data_8CF3
#
_entry.id   8CF3
#
_cell.length_a   46.819
_cell.length_b   109.470
_cell.length_c   50.297
_cell.angle_alpha   90.000
_cell.angle_beta   103.657
_cell.angle_gamma   90.000
#
_symmetry.space_group_name_H-M   'P 1 21 1'
#
loop_
_entity.id
_entity.type
_entity.pdbx_description
1 polymer 'Regulatory protein BlaR1'
2 non-polymer 'Cefepime (open)'
3 water water
#
_entity_poly.entity_id   1
_entity_poly.type   'polypeptide(L)'
_entity_poly.pdbx_seq_one_letter_code
;SITDYNYKKPLHNDYQILDKSKIFGSNSGSFVMYSMAADAYYIYNEKESRKRYSPNSTYKIYLAMFGLDRHIINDENSRM
SWNHKHYPFDAWNKEQDLNTAMQNSVNWYFERISDQIPKNYTATQLKQLNYGNKNLGSYKSYWMEDSLKISNLEQVIVFK
NMMEQNNHFSKKAKNQLSSSLLIKKNEKYELYGKTGTGIVNGKYNNGWFVGYVITNHDKYYFATHLSDGKPSGKNAELIS
EKILKEMGVLN
;
_entity_poly.pdbx_strand_id   C,E
#
# COMPACT_ATOMS: atom_id res chain seq x y z
N SER A 1 32.92 -22.11 -11.85
CA SER A 1 31.67 -22.85 -12.16
C SER A 1 31.41 -23.97 -11.15
N ILE A 2 32.47 -24.52 -10.54
CA ILE A 2 32.36 -25.66 -9.65
C ILE A 2 31.86 -25.22 -8.28
N THR A 3 32.01 -23.93 -7.96
CA THR A 3 31.51 -23.39 -6.70
C THR A 3 30.39 -22.37 -6.95
N ASP A 4 29.92 -22.28 -8.20
CA ASP A 4 28.95 -21.28 -8.60
C ASP A 4 27.53 -21.82 -8.50
N TYR A 5 27.36 -23.02 -7.93
CA TYR A 5 26.04 -23.57 -7.67
C TYR A 5 25.72 -23.55 -6.18
N ASN A 6 26.62 -22.98 -5.36
CA ASN A 6 26.54 -23.13 -3.92
C ASN A 6 27.00 -21.84 -3.24
N TYR A 7 26.21 -21.39 -2.26
CA TYR A 7 26.59 -20.29 -1.40
C TYR A 7 27.26 -20.85 -0.16
N LYS A 8 28.59 -20.77 -0.10
CA LYS A 8 29.33 -21.42 0.98
C LYS A 8 29.68 -20.44 2.09
N LYS A 9 29.65 -19.13 1.80
CA LYS A 9 30.03 -18.11 2.76
C LYS A 9 29.32 -18.37 4.09
N PRO A 10 30.07 -18.60 5.20
CA PRO A 10 29.49 -18.82 6.52
C PRO A 10 28.72 -17.61 7.06
N LEU A 11 27.75 -17.87 7.93
CA LEU A 11 26.93 -16.84 8.53
C LEU A 11 27.69 -16.11 9.63
N HIS A 12 27.67 -14.78 9.59
CA HIS A 12 28.21 -13.95 10.65
C HIS A 12 27.06 -13.35 11.44
N ASN A 13 26.02 -14.16 11.67
CA ASN A 13 24.87 -13.79 12.49
C ASN A 13 24.41 -15.03 13.24
N ASP A 14 23.64 -14.80 14.32
CA ASP A 14 22.94 -15.89 15.01
C ASP A 14 22.02 -16.55 14.00
N TYR A 15 21.77 -17.86 14.16
CA TYR A 15 20.77 -18.54 13.34
C TYR A 15 20.26 -19.78 14.05
N GLN A 16 19.01 -20.15 13.77
CA GLN A 16 18.40 -21.36 14.30
C GLN A 16 17.97 -22.26 13.16
N ILE A 17 17.94 -23.57 13.42
CA ILE A 17 17.50 -24.54 12.42
C ILE A 17 16.10 -25.00 12.79
N LEU A 18 15.16 -24.87 11.84
CA LEU A 18 13.76 -25.18 12.04
C LEU A 18 13.45 -26.56 11.47
N ASP A 19 12.25 -27.06 11.75
CA ASP A 19 11.75 -28.29 11.15
C ASP A 19 10.30 -28.05 10.72
N LYS A 20 10.12 -27.68 9.44
CA LYS A 20 8.81 -27.41 8.88
C LYS A 20 8.50 -28.43 7.78
N SER A 21 9.07 -29.63 7.91
CA SER A 21 8.91 -30.69 6.92
C SER A 21 7.44 -31.12 6.82
N LYS A 22 6.69 -30.96 7.91
CA LYS A 22 5.28 -31.31 7.94
C LYS A 22 4.48 -30.35 7.04
N ILE A 23 4.86 -29.07 7.05
CA ILE A 23 4.18 -28.07 6.24
C ILE A 23 4.57 -28.25 4.77
N PHE A 24 5.84 -28.57 4.52
CA PHE A 24 6.32 -28.79 3.16
C PHE A 24 5.66 -30.03 2.54
N GLY A 25 5.23 -30.97 3.39
CA GLY A 25 4.49 -32.14 2.94
C GLY A 25 5.27 -32.93 1.89
N SER A 26 4.61 -33.22 0.76
CA SER A 26 5.22 -33.99 -0.31
C SER A 26 6.05 -33.10 -1.24
N ASN A 27 6.21 -31.81 -0.87
CA ASN A 27 7.10 -30.90 -1.57
C ASN A 27 8.47 -30.90 -0.90
N SER A 28 9.51 -30.64 -1.70
CA SER A 28 10.86 -30.54 -1.21
C SER A 28 11.37 -29.11 -1.44
N GLY A 29 12.11 -28.58 -0.46
CA GLY A 29 12.72 -27.27 -0.60
C GLY A 29 13.26 -26.74 0.72
N SER A 30 13.31 -25.42 0.85
CA SER A 30 13.84 -24.75 2.03
C SER A 30 13.04 -23.48 2.33
N PHE A 31 13.21 -23.01 3.58
CA PHE A 31 12.66 -21.75 4.04
C PHE A 31 13.72 -21.00 4.84
N VAL A 32 13.90 -19.71 4.53
CA VAL A 32 14.82 -18.84 5.25
C VAL A 32 14.03 -17.62 5.71
N MET A 33 14.39 -17.08 6.89
CA MET A 33 13.78 -15.87 7.39
C MET A 33 14.78 -15.08 8.23
N TYR A 34 14.77 -13.76 8.08
CA TYR A 34 15.62 -12.85 8.83
C TYR A 34 14.75 -11.94 9.67
N SER A 35 15.21 -11.63 10.88
CA SER A 35 14.50 -10.76 11.82
C SER A 35 15.36 -9.52 12.09
N MET A 36 14.89 -8.36 11.61
CA MET A 36 15.61 -7.11 11.77
C MET A 36 15.99 -6.91 13.24
N ALA A 37 15.03 -7.16 14.12
CA ALA A 37 15.15 -6.88 15.54
C ALA A 37 16.16 -7.81 16.21
N ALA A 38 16.16 -9.09 15.81
CA ALA A 38 17.03 -10.11 16.37
C ALA A 38 18.36 -10.20 15.62
N ASP A 39 18.47 -9.51 14.49
CA ASP A 39 19.60 -9.65 13.59
C ASP A 39 20.00 -11.12 13.53
N ALA A 40 19.01 -11.99 13.28
CA ALA A 40 19.17 -13.44 13.33
C ALA A 40 18.38 -14.09 12.20
N TYR A 41 18.86 -15.27 11.77
CA TYR A 41 18.28 -16.03 10.68
C TYR A 41 17.60 -17.28 11.21
N TYR A 42 16.56 -17.74 10.49
CA TYR A 42 15.84 -18.95 10.82
C TYR A 42 15.72 -19.81 9.56
N ILE A 43 16.47 -20.93 9.51
CA ILE A 43 16.55 -21.72 8.29
C ILE A 43 15.97 -23.12 8.53
N TYR A 44 15.24 -23.61 7.51
CA TYR A 44 14.87 -25.01 7.41
C TYR A 44 15.46 -25.58 6.12
N ASN A 45 16.24 -26.66 6.26
CA ASN A 45 16.91 -27.33 5.16
C ASN A 45 17.97 -26.40 4.59
N GLU A 46 19.06 -26.23 5.36
CA GLU A 46 20.13 -25.29 5.05
C GLU A 46 20.94 -25.77 3.84
N LYS A 47 21.02 -27.10 3.65
CA LYS A 47 21.64 -27.63 2.45
C LYS A 47 20.94 -27.05 1.22
N GLU A 48 19.63 -27.32 1.10
CA GLU A 48 18.86 -26.84 -0.02
C GLU A 48 18.96 -25.32 -0.10
N SER A 49 18.96 -24.65 1.08
CA SER A 49 18.92 -23.20 1.13
C SER A 49 20.20 -22.57 0.57
N ARG A 50 21.27 -23.36 0.46
CA ARG A 50 22.55 -22.85 0.00
C ARG A 50 22.78 -23.21 -1.47
N LYS A 51 21.98 -24.14 -2.00
CA LYS A 51 22.04 -24.46 -3.42
C LYS A 51 21.39 -23.32 -4.21
N ARG A 52 22.01 -22.98 -5.35
CA ARG A 52 21.56 -21.87 -6.17
C ARG A 52 20.69 -22.37 -7.31
N TYR A 53 19.55 -21.69 -7.52
CA TYR A 53 18.67 -21.96 -8.64
C TYR A 53 18.44 -20.66 -9.40
N SER A 54 17.85 -20.76 -10.60
CA SER A 54 17.47 -19.58 -11.36
C SER A 54 16.37 -18.84 -10.60
N PRO A 55 16.41 -17.48 -10.55
CA PRO A 55 15.43 -16.72 -9.77
C PRO A 55 14.03 -16.60 -10.38
N ASN A 56 13.88 -16.97 -11.67
CA ASN A 56 12.63 -16.85 -12.38
C ASN A 56 12.11 -15.41 -12.24
N SER A 57 10.85 -15.28 -11.81
CA SER A 57 10.20 -13.99 -11.76
C SER A 57 10.45 -13.19 -10.48
N THR A 58 11.23 -13.76 -9.54
CA THR A 58 11.66 -13.01 -8.37
C THR A 58 12.68 -11.96 -8.79
N TYR A 59 13.34 -12.18 -9.92
CA TYR A 59 14.30 -11.22 -10.43
C TYR A 59 13.61 -9.92 -10.84
N LYS A 60 12.30 -10.00 -11.13
CA LYS A 60 11.52 -8.81 -11.48
C LYS A 60 11.64 -7.73 -10.40
N ILE A 61 11.80 -8.16 -9.14
CA ILE A 61 12.10 -7.24 -8.04
C ILE A 61 13.24 -6.32 -8.45
N TYR A 62 14.34 -6.89 -8.94
CA TYR A 62 15.56 -6.13 -9.17
C TYR A 62 15.45 -5.37 -10.48
N LEU A 63 14.84 -5.99 -11.50
CA LEU A 63 14.59 -5.31 -12.75
C LEU A 63 13.74 -4.07 -12.53
N ALA A 64 12.72 -4.18 -11.66
CA ALA A 64 11.88 -3.05 -11.33
C ALA A 64 12.72 -1.94 -10.69
N MET A 65 13.66 -2.35 -9.84
CA MET A 65 14.47 -1.42 -9.09
C MET A 65 15.40 -0.66 -10.05
N PHE A 66 15.96 -1.38 -11.02
CA PHE A 66 16.89 -0.81 -11.98
C PHE A 66 16.16 0.18 -12.87
N GLY A 67 14.94 -0.18 -13.29
CA GLY A 67 14.12 0.66 -14.16
C GLY A 67 13.74 1.98 -13.50
N LEU A 68 13.45 1.93 -12.19
CA LEU A 68 13.21 3.13 -11.41
C LEU A 68 14.49 3.94 -11.28
N ASP A 69 15.63 3.24 -11.10
CA ASP A 69 16.91 3.89 -10.85
C ASP A 69 17.45 4.58 -12.11
N ARG A 70 17.00 4.13 -13.29
CA ARG A 70 17.46 4.70 -14.55
C ARG A 70 16.35 5.51 -15.22
N HIS A 71 15.29 5.80 -14.45
CA HIS A 71 14.21 6.68 -14.90
C HIS A 71 13.54 6.11 -16.16
N ILE A 72 13.54 4.78 -16.28
CA ILE A 72 12.83 4.10 -17.35
C ILE A 72 11.34 4.14 -17.00
N ILE A 73 11.03 3.91 -15.73
CA ILE A 73 9.72 4.17 -15.17
C ILE A 73 9.88 5.10 -13.98
N ASN A 74 8.78 5.78 -13.62
CA ASN A 74 8.77 6.83 -12.61
C ASN A 74 7.58 6.64 -11.67
N ASP A 75 7.54 7.45 -10.61
CA ASP A 75 6.40 7.57 -9.73
C ASP A 75 5.24 8.26 -10.47
N GLU A 76 5.56 9.13 -11.44
CA GLU A 76 4.56 9.88 -12.19
C GLU A 76 3.85 8.97 -13.19
N ASN A 77 4.61 8.05 -13.79
CA ASN A 77 4.08 7.19 -14.84
C ASN A 77 4.99 5.98 -15.03
N SER A 78 4.43 4.78 -14.84
CA SER A 78 5.15 3.53 -15.05
C SER A 78 4.40 2.66 -16.06
N ARG A 79 3.55 3.29 -16.88
CA ARG A 79 2.72 2.56 -17.82
C ARG A 79 3.52 2.14 -19.05
N MET A 80 3.10 1.04 -19.67
CA MET A 80 3.68 0.56 -20.90
C MET A 80 2.57 0.00 -21.78
N SER A 81 2.62 0.32 -23.08
CA SER A 81 1.60 -0.12 -24.03
C SER A 81 1.79 -1.59 -24.36
N TRP A 82 0.67 -2.30 -24.53
CA TRP A 82 0.66 -3.66 -25.04
C TRP A 82 0.92 -3.65 -26.54
N ASN A 83 1.72 -4.60 -27.02
CA ASN A 83 2.19 -4.64 -28.40
C ASN A 83 1.18 -5.36 -29.30
N HIS A 84 0.07 -5.82 -28.71
CA HIS A 84 -0.99 -6.51 -29.42
C HIS A 84 -0.54 -7.90 -29.86
N LYS A 85 0.38 -8.50 -29.08
CA LYS A 85 0.71 -9.91 -29.23
C LYS A 85 -0.02 -10.68 -28.14
N HIS A 86 -0.63 -11.81 -28.51
CA HIS A 86 -1.29 -12.68 -27.55
C HIS A 86 -0.24 -13.33 -26.65
N TYR A 87 -0.56 -13.40 -25.35
CA TYR A 87 0.25 -14.11 -24.38
C TYR A 87 -0.60 -15.21 -23.74
N PRO A 88 0.03 -16.23 -23.12
CA PRO A 88 -0.71 -17.36 -22.54
C PRO A 88 -1.71 -16.94 -21.45
N PHE A 89 -1.40 -15.83 -20.77
CA PHE A 89 -2.22 -15.29 -19.70
C PHE A 89 -2.88 -14.01 -20.18
N ASP A 90 -4.17 -13.85 -19.84
CA ASP A 90 -4.99 -12.73 -20.31
C ASP A 90 -4.53 -11.42 -19.68
N ALA A 91 -4.10 -11.48 -18.41
CA ALA A 91 -3.70 -10.28 -17.68
C ALA A 91 -2.49 -9.61 -18.34
N TRP A 92 -1.76 -10.36 -19.17
CA TRP A 92 -0.61 -9.82 -19.88
C TRP A 92 -1.03 -9.02 -21.12
N ASN A 93 -2.24 -9.27 -21.63
CA ASN A 93 -2.66 -8.77 -22.92
C ASN A 93 -3.39 -7.44 -22.77
N LYS A 94 -2.78 -6.50 -22.05
CA LYS A 94 -3.37 -5.20 -21.80
C LYS A 94 -2.27 -4.23 -21.41
N GLU A 95 -2.62 -2.97 -21.19
CA GLU A 95 -1.67 -2.00 -20.68
C GLU A 95 -1.28 -2.39 -19.26
N GLN A 96 -0.03 -2.07 -18.89
CA GLN A 96 0.47 -2.41 -17.57
C GLN A 96 1.10 -1.17 -16.96
N ASP A 97 1.05 -1.10 -15.62
CA ASP A 97 1.95 -0.27 -14.85
C ASP A 97 2.73 -1.22 -13.95
N LEU A 98 3.64 -0.67 -13.13
CA LEU A 98 4.49 -1.50 -12.31
C LEU A 98 3.64 -2.43 -11.46
N ASN A 99 2.63 -1.86 -10.80
CA ASN A 99 1.79 -2.61 -9.88
C ASN A 99 1.12 -3.79 -10.59
N THR A 100 0.50 -3.53 -11.75
CA THR A 100 -0.20 -4.58 -12.48
C THR A 100 0.79 -5.57 -13.07
N ALA A 101 1.91 -5.05 -13.60
CA ALA A 101 2.99 -5.88 -14.10
C ALA A 101 3.47 -6.86 -13.01
N MET A 102 3.77 -6.31 -11.81
CA MET A 102 4.37 -7.09 -10.73
C MET A 102 3.34 -8.09 -10.19
N GLN A 103 2.11 -7.61 -10.01
CA GLN A 103 1.04 -8.39 -9.41
C GLN A 103 0.67 -9.60 -10.28
N ASN A 104 0.78 -9.43 -11.61
CA ASN A 104 0.41 -10.48 -12.56
C ASN A 104 1.65 -11.10 -13.19
N SER A 105 2.83 -10.74 -12.69
CA SER A 105 4.10 -11.29 -13.16
C SER A 105 4.16 -11.25 -14.69
N VAL A 106 3.89 -10.06 -15.24
CA VAL A 106 3.88 -9.85 -16.68
C VAL A 106 5.32 -9.80 -17.18
N ASN A 107 5.78 -10.93 -17.72
CA ASN A 107 7.16 -11.08 -18.18
C ASN A 107 7.57 -9.94 -19.12
N TRP A 108 6.74 -9.64 -20.12
CA TRP A 108 7.14 -8.75 -21.21
C TRP A 108 7.41 -7.33 -20.70
N TYR A 109 6.76 -6.95 -19.60
CA TYR A 109 6.96 -5.64 -19.01
C TYR A 109 8.41 -5.46 -18.58
N PHE A 110 8.95 -6.48 -17.91
CA PHE A 110 10.27 -6.40 -17.31
C PHE A 110 11.34 -6.74 -18.34
N GLU A 111 10.96 -7.53 -19.35
CA GLU A 111 11.81 -7.78 -20.50
C GLU A 111 12.09 -6.47 -21.21
N ARG A 112 11.03 -5.67 -21.38
CA ARG A 112 11.11 -4.39 -22.07
C ARG A 112 11.99 -3.43 -21.28
N ILE A 113 11.97 -3.56 -19.94
CA ILE A 113 12.84 -2.80 -19.07
C ILE A 113 14.27 -3.31 -19.19
N SER A 114 14.44 -4.64 -19.24
CA SER A 114 15.75 -5.27 -19.29
C SER A 114 16.54 -4.80 -20.51
N ASP A 115 15.83 -4.59 -21.64
CA ASP A 115 16.46 -4.30 -22.92
C ASP A 115 17.06 -2.89 -22.94
N GLN A 116 16.62 -2.02 -22.02
CA GLN A 116 17.08 -0.64 -22.02
C GLN A 116 18.18 -0.42 -20.98
N ILE A 117 18.66 -1.52 -20.36
CA ILE A 117 19.67 -1.43 -19.32
C ILE A 117 21.01 -1.89 -19.91
N PRO A 118 22.08 -1.05 -19.84
CA PRO A 118 23.44 -1.49 -20.18
C PRO A 118 23.90 -2.67 -19.35
N LYS A 119 24.79 -3.49 -19.93
CA LYS A 119 25.24 -4.72 -19.29
C LYS A 119 26.16 -4.41 -18.11
N ASN A 120 26.98 -3.37 -18.26
CA ASN A 120 27.95 -3.01 -17.22
C ASN A 120 27.23 -2.45 -16.01
N TYR A 121 26.07 -1.82 -16.21
CA TYR A 121 25.24 -1.38 -15.09
C TYR A 121 24.70 -2.59 -14.34
N THR A 122 24.08 -3.51 -15.08
CA THR A 122 23.54 -4.74 -14.51
C THR A 122 24.63 -5.45 -13.71
N ALA A 123 25.79 -5.64 -14.35
CA ALA A 123 26.91 -6.35 -13.75
C ALA A 123 27.46 -5.60 -12.53
N THR A 124 27.44 -4.26 -12.59
CA THR A 124 27.85 -3.43 -11.45
C THR A 124 26.88 -3.65 -10.29
N GLN A 125 25.58 -3.70 -10.58
CA GLN A 125 24.58 -3.80 -9.53
C GLN A 125 24.68 -5.17 -8.85
N LEU A 126 24.79 -6.24 -9.65
CA LEU A 126 24.86 -7.60 -9.11
C LEU A 126 26.10 -7.74 -8.22
N LYS A 127 27.20 -7.09 -8.62
CA LYS A 127 28.44 -7.08 -7.86
C LYS A 127 28.18 -6.45 -6.49
N GLN A 128 27.62 -5.24 -6.49
CA GLN A 128 27.38 -4.48 -5.27
C GLN A 128 26.30 -5.14 -4.42
N LEU A 129 25.36 -5.85 -5.07
CA LEU A 129 24.25 -6.49 -4.37
C LEU A 129 24.64 -7.89 -3.90
N ASN A 130 25.75 -8.44 -4.41
CA ASN A 130 26.16 -9.82 -4.18
C ASN A 130 25.04 -10.76 -4.64
N TYR A 131 24.51 -10.53 -5.83
CA TYR A 131 23.40 -11.32 -6.33
C TYR A 131 23.94 -12.66 -6.87
N GLY A 132 23.87 -13.69 -6.03
CA GLY A 132 24.10 -15.05 -6.47
C GLY A 132 25.44 -15.23 -7.18
N ASN A 133 25.41 -15.90 -8.34
CA ASN A 133 26.60 -16.21 -9.10
C ASN A 133 26.99 -15.03 -10.00
N LYS A 134 26.09 -14.05 -10.12
CA LYS A 134 26.39 -12.79 -10.81
C LYS A 134 26.65 -13.05 -12.29
N ASN A 135 26.06 -14.12 -12.81
CA ASN A 135 26.40 -14.63 -14.13
C ASN A 135 25.29 -14.23 -15.12
N LEU A 136 25.64 -13.32 -16.05
CA LEU A 136 24.69 -12.79 -17.02
C LEU A 136 24.62 -13.65 -18.28
N GLY A 137 25.73 -14.33 -18.62
CA GLY A 137 25.76 -15.18 -19.81
C GLY A 137 25.61 -14.35 -21.08
N SER A 138 24.59 -14.69 -21.90
CA SER A 138 24.37 -14.03 -23.19
C SER A 138 23.56 -12.73 -23.01
N TYR A 139 23.09 -12.47 -21.78
CA TYR A 139 22.36 -11.25 -21.44
C TYR A 139 21.02 -11.22 -22.17
N LYS A 140 20.34 -12.37 -22.25
CA LYS A 140 19.03 -12.47 -22.88
C LYS A 140 18.15 -13.43 -22.07
N SER A 141 17.26 -12.87 -21.25
CA SER A 141 16.42 -13.65 -20.35
C SER A 141 17.30 -14.51 -19.44
N TYR A 142 18.40 -13.92 -18.98
CA TYR A 142 19.43 -14.61 -18.21
C TYR A 142 18.89 -15.06 -16.86
N TRP A 143 17.79 -14.44 -16.42
CA TRP A 143 17.17 -14.72 -15.13
C TRP A 143 16.15 -15.84 -15.25
N MET A 144 15.92 -16.36 -16.46
CA MET A 144 14.89 -17.38 -16.68
C MET A 144 15.56 -18.72 -17.02
N GLU A 145 15.68 -19.58 -16.00
CA GLU A 145 16.29 -20.90 -16.14
C GLU A 145 17.49 -20.85 -17.09
N ASP A 146 18.43 -19.94 -16.80
CA ASP A 146 19.60 -19.72 -17.63
C ASP A 146 20.82 -19.60 -16.72
N SER A 147 21.65 -18.57 -16.93
CA SER A 147 22.96 -18.49 -16.32
C SER A 147 22.87 -17.99 -14.88
N LEU A 148 22.07 -16.94 -14.65
CA LEU A 148 21.97 -16.33 -13.34
C LEU A 148 21.29 -17.29 -12.37
N LYS A 149 21.89 -17.46 -11.19
CA LYS A 149 21.42 -18.37 -10.17
C LYS A 149 21.68 -17.78 -8.79
N ILE A 150 20.74 -17.98 -7.86
CA ILE A 150 20.84 -17.46 -6.52
C ILE A 150 20.24 -18.49 -5.57
N SER A 151 20.71 -18.49 -4.31
CA SER A 151 20.26 -19.43 -3.30
C SER A 151 19.16 -18.79 -2.44
N ASN A 152 18.32 -19.65 -1.85
CA ASN A 152 17.21 -19.25 -1.00
C ASN A 152 17.73 -18.34 0.13
N LEU A 153 18.88 -18.70 0.69
CA LEU A 153 19.52 -17.93 1.75
C LEU A 153 19.95 -16.56 1.24
N GLU A 154 20.52 -16.52 0.01
CA GLU A 154 20.97 -15.26 -0.57
C GLU A 154 19.80 -14.36 -0.94
N GLN A 155 18.67 -14.95 -1.34
CA GLN A 155 17.52 -14.15 -1.71
C GLN A 155 17.20 -13.18 -0.56
N VAL A 156 17.25 -13.70 0.67
CA VAL A 156 16.90 -12.93 1.86
C VAL A 156 18.02 -11.95 2.19
N ILE A 157 19.28 -12.39 2.06
CA ILE A 157 20.41 -11.54 2.41
C ILE A 157 20.47 -10.36 1.45
N VAL A 158 20.35 -10.64 0.14
CA VAL A 158 20.53 -9.63 -0.88
C VAL A 158 19.38 -8.62 -0.83
N PHE A 159 18.14 -9.11 -0.62
CA PHE A 159 16.97 -8.26 -0.62
C PHE A 159 16.98 -7.31 0.58
N LYS A 160 17.18 -7.89 1.78
CA LYS A 160 17.27 -7.14 3.02
C LYS A 160 18.35 -6.06 2.91
N ASN A 161 19.51 -6.43 2.37
CA ASN A 161 20.61 -5.49 2.26
C ASN A 161 20.23 -4.35 1.31
N MET A 162 19.66 -4.67 0.15
CA MET A 162 19.34 -3.64 -0.84
C MET A 162 18.33 -2.66 -0.29
N MET A 163 17.37 -3.17 0.50
CA MET A 163 16.25 -2.37 0.97
C MET A 163 16.64 -1.56 2.21
N GLU A 164 17.44 -2.15 3.11
CA GLU A 164 17.66 -1.59 4.43
C GLU A 164 18.91 -0.72 4.48
N GLN A 165 19.88 -0.98 3.59
CA GLN A 165 21.14 -0.25 3.62
C GLN A 165 21.04 1.01 2.78
N ASN A 166 21.73 2.08 3.21
CA ASN A 166 21.75 3.35 2.50
C ASN A 166 22.68 3.22 1.30
N ASN A 167 22.19 2.59 0.24
CA ASN A 167 22.93 2.46 -1.00
C ASN A 167 22.58 3.66 -1.88
N HIS A 168 22.88 3.55 -3.19
CA HIS A 168 22.63 4.64 -4.12
C HIS A 168 21.16 4.63 -4.54
N PHE A 169 20.44 3.54 -4.24
CA PHE A 169 19.03 3.43 -4.53
C PHE A 169 18.23 4.37 -3.62
N SER A 170 17.35 5.17 -4.23
CA SER A 170 16.61 6.21 -3.52
C SER A 170 15.51 5.59 -2.66
N LYS A 171 15.05 6.36 -1.66
CA LYS A 171 13.98 5.94 -0.77
C LYS A 171 12.65 5.80 -1.53
N LYS A 172 12.42 6.69 -2.51
CA LYS A 172 11.17 6.71 -3.24
C LYS A 172 11.11 5.54 -4.22
N ALA A 173 12.30 5.14 -4.74
CA ALA A 173 12.41 3.94 -5.56
C ALA A 173 11.96 2.72 -4.74
N LYS A 174 12.50 2.62 -3.53
CA LYS A 174 12.24 1.50 -2.64
C LYS A 174 10.77 1.46 -2.27
N ASN A 175 10.16 2.64 -2.04
CA ASN A 175 8.76 2.72 -1.67
C ASN A 175 7.88 2.33 -2.84
N GLN A 176 8.21 2.83 -4.03
CA GLN A 176 7.44 2.49 -5.23
C GLN A 176 7.55 0.99 -5.49
N LEU A 177 8.76 0.44 -5.35
CA LEU A 177 8.95 -1.01 -5.47
C LEU A 177 8.09 -1.71 -4.43
N SER A 178 8.16 -1.21 -3.19
CA SER A 178 7.46 -1.81 -2.06
C SER A 178 5.95 -1.83 -2.32
N SER A 179 5.41 -0.72 -2.84
CA SER A 179 4.01 -0.63 -3.23
C SER A 179 3.61 -1.74 -4.20
N SER A 180 4.48 -2.01 -5.18
CA SER A 180 4.18 -2.99 -6.22
C SER A 180 4.19 -4.41 -5.66
N LEU A 181 4.73 -4.60 -4.44
CA LEU A 181 4.92 -5.92 -3.88
C LEU A 181 3.92 -6.23 -2.76
N LEU A 182 3.15 -5.23 -2.32
CA LEU A 182 2.19 -5.42 -1.23
C LEU A 182 1.10 -6.38 -1.68
N ILE A 183 0.84 -7.39 -0.85
CA ILE A 183 -0.10 -8.46 -1.14
C ILE A 183 -1.27 -8.40 -0.18
N LYS A 184 -0.95 -8.30 1.12
CA LYS A 184 -1.97 -8.33 2.17
C LYS A 184 -1.60 -7.30 3.24
N LYS A 185 -2.65 -6.71 3.83
CA LYS A 185 -2.49 -5.75 4.92
C LYS A 185 -3.70 -5.82 5.83
N ASN A 186 -3.44 -5.80 7.15
CA ASN A 186 -4.47 -5.74 8.17
C ASN A 186 -3.90 -5.02 9.39
N GLU A 187 -4.63 -5.04 10.51
CA GLU A 187 -4.25 -4.34 11.73
C GLU A 187 -2.85 -4.80 12.18
N LYS A 188 -2.57 -6.09 11.93
CA LYS A 188 -1.43 -6.78 12.49
C LYS A 188 -0.19 -6.63 11.61
N TYR A 189 -0.33 -6.83 10.29
CA TYR A 189 0.84 -6.94 9.44
C TYR A 189 0.59 -6.42 8.02
N GLU A 190 1.70 -6.03 7.38
CA GLU A 190 1.79 -5.84 5.94
C GLU A 190 2.66 -6.95 5.36
N LEU A 191 2.13 -7.69 4.38
CA LEU A 191 2.85 -8.77 3.73
C LEU A 191 3.22 -8.33 2.33
N TYR A 192 4.51 -8.42 1.99
CA TYR A 192 4.99 -8.12 0.65
C TYR A 192 5.72 -9.34 0.11
N GLY A 193 5.71 -9.51 -1.21
CA GLY A 193 6.41 -10.63 -1.81
C GLY A 193 6.21 -10.75 -3.32
N LYS A 194 6.95 -11.72 -3.89
CA LYS A 194 6.92 -12.01 -5.32
C LYS A 194 7.11 -13.51 -5.52
N THR A 195 6.26 -14.10 -6.36
CA THR A 195 6.35 -15.52 -6.67
C THR A 195 7.29 -15.73 -7.86
N GLY A 196 7.84 -16.95 -7.95
CA GLY A 196 8.53 -17.43 -9.14
C GLY A 196 8.09 -18.84 -9.48
N THR A 197 7.86 -19.10 -10.76
CA THR A 197 7.50 -20.44 -11.21
C THR A 197 8.30 -20.79 -12.46
N GLY A 198 8.83 -22.01 -12.47
CA GLY A 198 9.49 -22.57 -13.63
C GLY A 198 8.70 -23.77 -14.15
N ILE A 199 8.69 -23.94 -15.47
CA ILE A 199 8.05 -25.07 -16.11
C ILE A 199 9.02 -25.68 -17.12
N VAL A 200 9.26 -27.00 -17.00
CA VAL A 200 10.09 -27.75 -17.94
C VAL A 200 9.35 -29.04 -18.28
N ASN A 201 9.17 -29.28 -19.59
CA ASN A 201 8.47 -30.47 -20.07
C ASN A 201 7.13 -30.61 -19.36
N GLY A 202 6.43 -29.48 -19.18
CA GLY A 202 5.09 -29.48 -18.61
C GLY A 202 5.05 -29.80 -17.12
N LYS A 203 6.22 -29.73 -16.46
CA LYS A 203 6.34 -30.05 -15.04
C LYS A 203 6.98 -28.88 -14.32
N TYR A 204 6.38 -28.48 -13.20
CA TYR A 204 6.99 -27.48 -12.32
C TYR A 204 8.30 -28.03 -11.79
N ASN A 205 9.37 -27.22 -11.85
CA ASN A 205 10.69 -27.66 -11.44
C ASN A 205 11.35 -26.68 -10.47
N ASN A 206 10.77 -25.49 -10.27
CA ASN A 206 11.43 -24.42 -9.54
C ASN A 206 10.39 -23.40 -9.07
N GLY A 207 10.20 -23.30 -7.74
CA GLY A 207 9.17 -22.45 -7.15
C GLY A 207 9.74 -21.52 -6.08
N TRP A 208 9.50 -20.21 -6.24
CA TRP A 208 9.96 -19.18 -5.32
C TRP A 208 8.78 -18.47 -4.66
N PHE A 209 8.98 -18.02 -3.42
CA PHE A 209 8.23 -16.88 -2.90
C PHE A 209 9.12 -16.04 -1.99
N VAL A 210 9.52 -14.86 -2.47
CA VAL A 210 10.45 -13.97 -1.80
C VAL A 210 9.70 -12.71 -1.37
N GLY A 211 9.97 -12.20 -0.17
CA GLY A 211 9.26 -11.03 0.31
C GLY A 211 9.67 -10.60 1.72
N TYR A 212 8.78 -9.83 2.37
CA TYR A 212 9.01 -9.40 3.73
C TYR A 212 7.68 -9.03 4.39
N VAL A 213 7.71 -8.98 5.73
CA VAL A 213 6.55 -8.70 6.55
C VAL A 213 6.89 -7.54 7.48
N ILE A 214 5.99 -6.54 7.54
CA ILE A 214 6.10 -5.49 8.53
C ILE A 214 5.01 -5.71 9.58
N THR A 215 5.42 -5.82 10.85
CA THR A 215 4.48 -5.85 11.97
C THR A 215 4.63 -4.55 12.75
N ASN A 216 3.89 -4.44 13.85
CA ASN A 216 4.02 -3.34 14.78
C ASN A 216 5.41 -3.35 15.40
N HIS A 217 5.87 -4.55 15.78
CA HIS A 217 7.03 -4.71 16.64
C HIS A 217 8.30 -4.92 15.81
N ASP A 218 8.21 -5.69 14.72
CA ASP A 218 9.41 -6.16 14.03
C ASP A 218 9.22 -6.03 12.52
N LYS A 219 10.29 -6.39 11.78
CA LYS A 219 10.27 -6.48 10.34
C LYS A 219 11.05 -7.72 9.93
N TYR A 220 10.49 -8.49 9.00
CA TYR A 220 11.02 -9.81 8.65
C TYR A 220 11.23 -9.90 7.14
N TYR A 221 12.39 -10.42 6.71
CA TYR A 221 12.60 -10.78 5.32
C TYR A 221 12.60 -12.31 5.23
N PHE A 222 12.10 -12.86 4.14
CA PHE A 222 11.88 -14.29 4.05
C PHE A 222 11.89 -14.75 2.60
N ALA A 223 11.99 -16.07 2.42
CA ALA A 223 11.97 -16.67 1.10
C ALA A 223 11.73 -18.17 1.26
N THR A 224 10.97 -18.74 0.32
CA THR A 224 10.74 -20.18 0.26
C THR A 224 11.15 -20.65 -1.13
N HIS A 225 11.95 -21.71 -1.19
CA HIS A 225 12.27 -22.34 -2.46
C HIS A 225 11.72 -23.75 -2.50
N LEU A 226 11.07 -24.12 -3.61
CA LEU A 226 10.62 -25.48 -3.85
C LEU A 226 11.38 -26.06 -5.04
N SER A 227 11.95 -27.25 -4.83
CA SER A 227 12.80 -27.90 -5.82
C SER A 227 12.14 -29.15 -6.39
N ASP A 228 11.31 -29.82 -5.59
CA ASP A 228 10.66 -31.05 -6.04
C ASP A 228 9.27 -31.14 -5.44
N GLY A 229 8.48 -32.11 -5.90
CA GLY A 229 7.10 -32.28 -5.47
C GLY A 229 6.13 -31.59 -6.42
N LYS A 230 5.62 -30.42 -6.00
CA LYS A 230 4.83 -29.56 -6.87
C LYS A 230 5.37 -28.14 -6.74
N PRO A 231 6.59 -27.87 -7.25
CA PRO A 231 7.31 -26.62 -6.97
C PRO A 231 6.85 -25.44 -7.82
N SER A 232 5.67 -24.92 -7.48
CA SER A 232 5.14 -23.72 -8.12
C SER A 232 5.25 -22.52 -7.18
N GLY A 233 5.34 -21.32 -7.77
CA GLY A 233 5.39 -20.09 -7.00
C GLY A 233 4.22 -19.96 -6.04
N LYS A 234 3.02 -20.37 -6.47
CA LYS A 234 1.83 -20.27 -5.63
C LYS A 234 1.96 -21.21 -4.43
N ASN A 235 2.46 -22.41 -4.68
CA ASN A 235 2.65 -23.41 -3.64
C ASN A 235 3.71 -22.93 -2.65
N ALA A 236 4.70 -22.19 -3.18
CA ALA A 236 5.74 -21.58 -2.37
C ALA A 236 5.15 -20.47 -1.49
N GLU A 237 4.16 -19.75 -2.01
CA GLU A 237 3.50 -18.71 -1.24
C GLU A 237 2.70 -19.34 -0.11
N LEU A 238 1.91 -20.38 -0.43
CA LEU A 238 1.04 -21.05 0.53
C LEU A 238 1.88 -21.56 1.70
N ILE A 239 3.02 -22.18 1.40
CA ILE A 239 3.90 -22.76 2.40
C ILE A 239 4.55 -21.64 3.23
N SER A 240 4.98 -20.56 2.57
CA SER A 240 5.56 -19.41 3.26
C SER A 240 4.61 -18.91 4.34
N GLU A 241 3.32 -18.84 4.00
CA GLU A 241 2.34 -18.19 4.86
C GLU A 241 2.00 -19.08 6.05
N LYS A 242 1.86 -20.40 5.81
CA LYS A 242 1.55 -21.35 6.87
C LYS A 242 2.69 -21.39 7.88
N ILE A 243 3.92 -21.23 7.39
CA ILE A 243 5.11 -21.21 8.24
C ILE A 243 5.14 -19.90 9.03
N LEU A 244 4.81 -18.78 8.36
CA LEU A 244 4.84 -17.46 8.98
C LEU A 244 3.72 -17.33 10.01
N LYS A 245 2.58 -17.98 9.74
CA LYS A 245 1.44 -17.95 10.65
C LYS A 245 1.75 -18.81 11.88
N GLU A 246 2.30 -20.01 11.63
CA GLU A 246 2.57 -20.98 12.67
C GLU A 246 3.75 -20.52 13.53
N MET A 247 4.60 -19.65 12.98
CA MET A 247 5.69 -19.04 13.74
C MET A 247 5.21 -17.77 14.43
N GLY A 248 3.99 -17.33 14.13
CA GLY A 248 3.39 -16.17 14.79
C GLY A 248 3.96 -14.86 14.27
N VAL A 249 4.27 -14.83 12.97
CA VAL A 249 4.68 -13.60 12.30
C VAL A 249 3.44 -12.88 11.76
N LEU A 250 2.37 -13.65 11.50
CA LEU A 250 1.14 -13.10 10.96
C LEU A 250 0.04 -13.18 12.02
N ASN A 251 0.28 -12.52 13.15
CA ASN A 251 -0.64 -12.51 14.27
C ASN A 251 -0.53 -11.18 15.02
N SER B 1 -25.14 32.45 5.05
CA SER B 1 -24.99 31.93 6.44
C SER B 1 -26.17 31.03 6.81
N ILE B 2 -27.37 31.40 6.35
CA ILE B 2 -28.60 30.68 6.69
C ILE B 2 -28.71 29.42 5.83
N THR B 3 -28.00 29.37 4.70
CA THR B 3 -27.98 28.20 3.84
C THR B 3 -26.59 27.56 3.81
N ASP B 4 -25.69 28.01 4.71
CA ASP B 4 -24.32 27.54 4.73
C ASP B 4 -24.15 26.38 5.71
N TYR B 5 -25.27 25.83 6.21
CA TYR B 5 -25.25 24.62 7.01
C TYR B 5 -25.82 23.44 6.24
N ASN B 6 -26.14 23.64 4.96
CA ASN B 6 -26.92 22.67 4.20
C ASN B 6 -26.44 22.63 2.76
N TYR B 7 -26.25 21.41 2.25
CA TYR B 7 -25.93 21.20 0.86
C TYR B 7 -27.24 20.95 0.11
N LYS B 8 -27.70 21.97 -0.64
CA LYS B 8 -29.01 21.94 -1.25
C LYS B 8 -28.93 21.46 -2.70
N LYS B 9 -27.76 21.62 -3.34
CA LYS B 9 -27.59 21.32 -4.75
C LYS B 9 -28.14 19.93 -5.05
N PRO B 10 -29.16 19.82 -5.93
CA PRO B 10 -29.72 18.52 -6.32
C PRO B 10 -28.72 17.62 -7.04
N LEU B 11 -28.93 16.31 -6.94
CA LEU B 11 -28.05 15.33 -7.57
C LEU B 11 -28.39 15.23 -9.05
N HIS B 12 -27.35 15.26 -9.89
CA HIS B 12 -27.50 14.98 -11.31
C HIS B 12 -26.94 13.60 -11.60
N ASN B 13 -27.24 12.65 -10.70
CA ASN B 13 -26.88 11.25 -10.88
C ASN B 13 -28.02 10.39 -10.33
N ASP B 14 -28.11 9.16 -10.83
CA ASP B 14 -29.02 8.18 -10.24
C ASP B 14 -28.59 7.95 -8.80
N TYR B 15 -29.55 7.60 -7.95
CA TYR B 15 -29.27 7.39 -6.53
C TYR B 15 -30.38 6.53 -5.91
N GLN B 16 -30.02 5.75 -4.89
CA GLN B 16 -30.97 4.92 -4.17
C GLN B 16 -30.95 5.32 -2.69
N ILE B 17 -32.08 5.12 -2.00
CA ILE B 17 -32.17 5.39 -0.58
C ILE B 17 -32.14 4.05 0.17
N LEU B 18 -31.21 3.93 1.11
CA LEU B 18 -30.99 2.70 1.87
C LEU B 18 -31.65 2.81 3.24
N ASP B 19 -31.69 1.69 3.96
CA ASP B 19 -32.13 1.66 5.34
C ASP B 19 -31.14 0.80 6.13
N LYS B 20 -30.17 1.47 6.76
CA LYS B 20 -29.14 0.82 7.56
C LYS B 20 -29.28 1.23 9.02
N SER B 21 -30.51 1.59 9.44
CA SER B 21 -30.77 2.07 10.78
C SER B 21 -30.49 0.98 11.82
N LYS B 22 -30.61 -0.28 11.41
CA LYS B 22 -30.35 -1.41 12.28
C LYS B 22 -28.86 -1.50 12.60
N ILE B 23 -28.01 -1.21 11.61
CA ILE B 23 -26.56 -1.22 11.79
C ILE B 23 -26.14 -0.02 12.63
N PHE B 24 -26.76 1.14 12.37
CA PHE B 24 -26.45 2.35 13.11
C PHE B 24 -26.85 2.22 14.58
N GLY B 25 -27.81 1.33 14.88
CA GLY B 25 -28.17 1.00 16.24
C GLY B 25 -28.57 2.23 17.05
N SER B 26 -27.93 2.42 18.22
CA SER B 26 -28.20 3.53 19.11
C SER B 26 -27.51 4.81 18.66
N ASN B 27 -26.78 4.74 17.52
CA ASN B 27 -26.11 5.90 16.94
C ASN B 27 -27.01 6.53 15.89
N SER B 28 -26.85 7.85 15.71
CA SER B 28 -27.56 8.61 14.70
C SER B 28 -26.55 9.17 13.71
N GLY B 29 -26.91 9.16 12.42
CA GLY B 29 -26.07 9.75 11.39
C GLY B 29 -26.52 9.36 9.98
N SER B 30 -25.56 9.33 9.05
CA SER B 30 -25.83 9.02 7.66
C SER B 30 -24.67 8.23 7.05
N PHE B 31 -24.96 7.59 5.91
CA PHE B 31 -23.99 6.87 5.11
C PHE B 31 -24.22 7.21 3.65
N VAL B 32 -23.13 7.57 2.94
CA VAL B 32 -23.17 7.85 1.52
C VAL B 32 -22.13 6.96 0.84
N MET B 33 -22.44 6.52 -0.38
CA MET B 33 -21.50 5.74 -1.16
C MET B 33 -21.71 6.03 -2.64
N TYR B 34 -20.58 6.14 -3.37
CA TYR B 34 -20.58 6.37 -4.80
C TYR B 34 -19.92 5.18 -5.48
N SER B 35 -20.46 4.79 -6.64
CA SER B 35 -19.95 3.67 -7.42
C SER B 35 -19.47 4.19 -8.77
N MET B 36 -18.14 4.14 -8.98
CA MET B 36 -17.52 4.61 -10.21
C MET B 36 -18.23 3.99 -11.41
N ALA B 37 -18.47 2.67 -11.33
CA ALA B 37 -18.97 1.89 -12.44
C ALA B 37 -20.42 2.26 -12.76
N ALA B 38 -21.22 2.50 -11.72
CA ALA B 38 -22.64 2.80 -11.86
C ALA B 38 -22.88 4.31 -11.97
N ASP B 39 -21.84 5.11 -11.75
CA ASP B 39 -21.98 6.55 -11.65
C ASP B 39 -23.26 6.86 -10.86
N ALA B 40 -23.40 6.22 -9.70
CA ALA B 40 -24.62 6.26 -8.91
C ALA B 40 -24.29 6.38 -7.42
N TYR B 41 -25.22 7.00 -6.67
CA TYR B 41 -25.05 7.23 -5.25
C TYR B 41 -25.99 6.33 -4.44
N TYR B 42 -25.57 5.97 -3.22
CA TYR B 42 -26.37 5.16 -2.30
C TYR B 42 -26.39 5.86 -0.94
N ILE B 43 -27.54 6.44 -0.57
CA ILE B 43 -27.61 7.27 0.62
C ILE B 43 -28.57 6.65 1.64
N TYR B 44 -28.16 6.71 2.92
CA TYR B 44 -29.04 6.45 4.05
C TYR B 44 -29.09 7.71 4.92
N ASN B 45 -30.31 8.21 5.14
CA ASN B 45 -30.57 9.41 5.91
C ASN B 45 -30.01 10.60 5.17
N GLU B 46 -30.69 10.97 4.06
CA GLU B 46 -30.24 12.00 3.15
C GLU B 46 -30.37 13.38 3.79
N LYS B 47 -31.35 13.55 4.69
CA LYS B 47 -31.45 14.78 5.48
C LYS B 47 -30.12 15.01 6.21
N GLU B 48 -29.74 14.07 7.07
CA GLU B 48 -28.51 14.18 7.84
C GLU B 48 -27.33 14.34 6.87
N SER B 49 -27.38 13.61 5.74
CA SER B 49 -26.25 13.58 4.81
C SER B 49 -26.02 14.94 4.14
N ARG B 50 -27.03 15.82 4.19
CA ARG B 50 -26.93 17.12 3.53
C ARG B 50 -26.60 18.21 4.55
N LYS B 51 -26.74 17.91 5.84
CA LYS B 51 -26.32 18.84 6.89
C LYS B 51 -24.81 18.86 6.96
N ARG B 52 -24.24 20.06 7.15
CA ARG B 52 -22.81 20.25 7.17
C ARG B 52 -22.29 20.27 8.60
N TYR B 53 -21.20 19.52 8.85
CA TYR B 53 -20.51 19.54 10.12
C TYR B 53 -19.03 19.87 9.87
N SER B 54 -18.29 20.16 10.94
CA SER B 54 -16.85 20.36 10.85
C SER B 54 -16.19 19.05 10.42
N PRO B 55 -15.18 19.07 9.53
CA PRO B 55 -14.56 17.84 9.04
C PRO B 55 -13.61 17.14 10.01
N ASN B 56 -13.23 17.82 11.10
CA ASN B 56 -12.27 17.28 12.07
C ASN B 56 -11.02 16.82 11.32
N SER B 57 -10.60 15.58 11.59
CA SER B 57 -9.35 15.06 11.06
C SER B 57 -9.45 14.47 9.66
N THR B 58 -10.65 14.47 9.07
CA THR B 58 -10.81 14.08 7.68
C THR B 58 -10.21 15.16 6.77
N TYR B 59 -10.11 16.38 7.29
CA TYR B 59 -9.50 17.48 6.56
C TYR B 59 -8.01 17.22 6.35
N LYS B 60 -7.39 16.39 7.20
CA LYS B 60 -6.00 16.01 7.04
C LYS B 60 -5.72 15.46 5.64
N ILE B 61 -6.71 14.79 5.05
CA ILE B 61 -6.65 14.35 3.66
C ILE B 61 -6.19 15.51 2.79
N TYR B 62 -6.86 16.66 2.92
CA TYR B 62 -6.65 17.77 2.02
C TYR B 62 -5.39 18.54 2.41
N LEU B 63 -5.14 18.68 3.72
CA LEU B 63 -3.91 19.29 4.19
C LEU B 63 -2.70 18.51 3.68
N ALA B 64 -2.79 17.16 3.71
CA ALA B 64 -1.72 16.32 3.18
C ALA B 64 -1.52 16.62 1.71
N MET B 65 -2.62 16.81 0.98
CA MET B 65 -2.58 17.02 -0.46
C MET B 65 -1.92 18.36 -0.76
N PHE B 66 -2.25 19.38 0.02
CA PHE B 66 -1.72 20.72 -0.17
C PHE B 66 -0.22 20.73 0.10
N GLY B 67 0.19 20.02 1.16
CA GLY B 67 1.60 19.92 1.55
C GLY B 67 2.46 19.26 0.48
N LEU B 68 1.90 18.22 -0.17
CA LEU B 68 2.55 17.58 -1.30
C LEU B 68 2.60 18.55 -2.49
N ASP B 69 1.52 19.31 -2.68
CA ASP B 69 1.37 20.18 -3.84
C ASP B 69 2.28 21.40 -3.73
N ARG B 70 2.69 21.77 -2.51
CA ARG B 70 3.53 22.93 -2.31
C ARG B 70 4.94 22.50 -1.89
N HIS B 71 5.24 21.20 -2.05
CA HIS B 71 6.56 20.65 -1.84
C HIS B 71 7.00 20.86 -0.38
N ILE B 72 6.03 20.91 0.54
CA ILE B 72 6.31 20.99 1.96
C ILE B 72 6.78 19.61 2.43
N ILE B 73 6.11 18.57 1.93
CA ILE B 73 6.59 17.20 2.04
C ILE B 73 6.65 16.59 0.63
N ASN B 74 7.42 15.51 0.47
CA ASN B 74 7.57 14.88 -0.83
C ASN B 74 7.67 13.36 -0.67
N ASP B 75 7.85 12.68 -1.80
CA ASP B 75 7.90 11.23 -1.84
C ASP B 75 9.22 10.73 -1.25
N GLU B 76 10.29 11.52 -1.37
CA GLU B 76 11.60 11.11 -0.86
C GLU B 76 11.64 11.29 0.66
N ASN B 77 10.97 12.33 1.17
CA ASN B 77 11.05 12.64 2.59
C ASN B 77 9.83 13.45 3.02
N SER B 78 9.05 12.87 3.94
CA SER B 78 7.89 13.53 4.53
C SER B 78 8.01 13.53 6.05
N ARG B 79 9.24 13.41 6.56
CA ARG B 79 9.45 13.28 8.00
C ARG B 79 9.42 14.66 8.64
N MET B 80 9.04 14.68 9.92
CA MET B 80 9.02 15.89 10.72
C MET B 80 9.46 15.55 12.14
N SER B 81 10.31 16.40 12.71
CA SER B 81 10.84 16.19 14.05
C SER B 81 9.77 16.54 15.09
N TRP B 82 9.75 15.75 16.18
CA TRP B 82 8.94 16.03 17.34
C TRP B 82 9.58 17.17 18.14
N ASN B 83 8.74 18.09 18.65
CA ASN B 83 9.20 19.30 19.29
C ASN B 83 9.46 19.06 20.79
N HIS B 84 9.26 17.83 21.24
CA HIS B 84 9.48 17.42 22.63
C HIS B 84 8.42 18.04 23.54
N LYS B 85 7.22 18.26 23.00
CA LYS B 85 6.06 18.59 23.80
C LYS B 85 5.21 17.34 23.95
N HIS B 86 4.72 17.11 25.18
CA HIS B 86 3.86 15.97 25.46
C HIS B 86 2.51 16.20 24.79
N TYR B 87 1.96 15.14 24.20
CA TYR B 87 0.62 15.14 23.65
C TYR B 87 -0.20 14.06 24.35
N PRO B 88 -1.55 14.14 24.30
CA PRO B 88 -2.41 13.17 25.00
C PRO B 88 -2.20 11.73 24.55
N PHE B 89 -1.79 11.57 23.30
CA PHE B 89 -1.55 10.27 22.70
C PHE B 89 -0.06 10.07 22.51
N ASP B 90 0.43 8.86 22.81
CA ASP B 90 1.85 8.55 22.80
C ASP B 90 2.39 8.52 21.37
N ALA B 91 1.56 8.06 20.43
CA ALA B 91 1.96 7.94 19.03
C ALA B 91 2.33 9.29 18.44
N TRP B 92 1.86 10.38 19.08
CA TRP B 92 2.16 11.73 18.63
C TRP B 92 3.54 12.18 19.09
N ASN B 93 4.07 11.55 20.14
CA ASN B 93 5.25 12.05 20.83
C ASN B 93 6.52 11.39 20.26
N LYS B 94 6.65 11.44 18.93
CA LYS B 94 7.79 10.84 18.24
C LYS B 94 7.91 11.49 16.87
N GLU B 95 8.93 11.07 16.10
CA GLU B 95 9.06 11.52 14.72
C GLU B 95 7.91 10.95 13.91
N GLN B 96 7.48 11.69 12.89
CA GLN B 96 6.39 11.26 12.04
C GLN B 96 6.79 11.40 10.58
N ASP B 97 6.23 10.53 9.74
CA ASP B 97 6.14 10.78 8.31
C ASP B 97 4.65 10.80 7.97
N LEU B 98 4.32 11.02 6.69
CA LEU B 98 2.93 11.16 6.30
C LEU B 98 2.13 9.94 6.76
N ASN B 99 2.67 8.74 6.48
CA ASN B 99 2.00 7.50 6.79
C ASN B 99 1.68 7.41 8.29
N THR B 100 2.69 7.65 9.13
CA THR B 100 2.51 7.53 10.58
C THR B 100 1.62 8.67 11.08
N ALA B 101 1.84 9.87 10.56
CA ALA B 101 0.99 11.02 10.86
C ALA B 101 -0.47 10.69 10.58
N MET B 102 -0.76 10.20 9.37
CA MET B 102 -2.12 9.98 8.90
C MET B 102 -2.75 8.83 9.69
N GLN B 103 -1.99 7.75 9.87
CA GLN B 103 -2.46 6.53 10.49
C GLN B 103 -2.82 6.77 11.96
N ASN B 104 -2.09 7.68 12.62
CA ASN B 104 -2.31 7.96 14.03
C ASN B 104 -3.00 9.31 14.22
N SER B 105 -3.40 9.95 13.11
CA SER B 105 -4.13 11.21 13.16
C SER B 105 -3.38 12.22 14.03
N VAL B 106 -2.08 12.37 13.76
CA VAL B 106 -1.21 13.25 14.52
C VAL B 106 -1.51 14.70 14.14
N ASN B 107 -2.30 15.38 14.96
CA ASN B 107 -2.76 16.73 14.68
C ASN B 107 -1.58 17.66 14.36
N TRP B 108 -0.52 17.64 15.17
CA TRP B 108 0.53 18.65 15.08
C TRP B 108 1.29 18.55 13.75
N TYR B 109 1.29 17.37 13.14
CA TYR B 109 1.95 17.17 11.85
C TYR B 109 1.30 18.06 10.80
N PHE B 110 -0.03 18.05 10.77
CA PHE B 110 -0.79 18.71 9.73
C PHE B 110 -0.99 20.18 10.07
N GLU B 111 -0.96 20.50 11.37
CA GLU B 111 -0.94 21.87 11.82
C GLU B 111 0.32 22.55 11.31
N ARG B 112 1.45 21.84 11.42
CA ARG B 112 2.74 22.36 10.99
C ARG B 112 2.75 22.57 9.48
N ILE B 113 2.00 21.73 8.75
CA ILE B 113 1.81 21.91 7.32
C ILE B 113 0.90 23.11 7.05
N SER B 114 -0.17 23.23 7.85
CA SER B 114 -1.17 24.27 7.66
C SER B 114 -0.54 25.67 7.77
N ASP B 115 0.46 25.81 8.65
CA ASP B 115 1.06 27.09 8.96
C ASP B 115 1.89 27.63 7.80
N GLN B 116 2.29 26.74 6.87
CA GLN B 116 3.16 27.14 5.76
C GLN B 116 2.34 27.39 4.49
N ILE B 117 1.01 27.34 4.59
CA ILE B 117 0.15 27.49 3.42
C ILE B 117 -0.48 28.88 3.45
N PRO B 118 -0.30 29.72 2.39
CA PRO B 118 -1.04 30.97 2.26
C PRO B 118 -2.55 30.77 2.21
N LYS B 119 -3.29 31.79 2.65
CA LYS B 119 -4.73 31.70 2.79
C LYS B 119 -5.40 31.70 1.42
N ASN B 120 -4.83 32.45 0.46
CA ASN B 120 -5.42 32.59 -0.86
C ASN B 120 -5.31 31.26 -1.62
N TYR B 121 -4.25 30.49 -1.33
CA TYR B 121 -4.10 29.16 -1.90
C TYR B 121 -5.20 28.25 -1.36
N THR B 122 -5.30 28.19 -0.03
CA THR B 122 -6.31 27.39 0.65
C THR B 122 -7.69 27.73 0.08
N ALA B 123 -8.01 29.03 0.04
CA ALA B 123 -9.31 29.51 -0.41
C ALA B 123 -9.53 29.18 -1.89
N THR B 124 -8.46 29.25 -2.69
CA THR B 124 -8.54 28.88 -4.09
C THR B 124 -8.86 27.39 -4.22
N GLN B 125 -8.22 26.56 -3.39
CA GLN B 125 -8.38 25.12 -3.49
C GLN B 125 -9.81 24.72 -3.11
N LEU B 126 -10.32 25.29 -2.00
CA LEU B 126 -11.65 24.96 -1.52
C LEU B 126 -12.70 25.36 -2.56
N LYS B 127 -12.45 26.48 -3.24
CA LYS B 127 -13.32 26.98 -4.30
C LYS B 127 -13.39 25.93 -5.42
N GLN B 128 -12.21 25.53 -5.92
CA GLN B 128 -12.10 24.61 -7.03
C GLN B 128 -12.58 23.21 -6.64
N LEU B 129 -12.42 22.86 -5.35
CA LEU B 129 -12.78 21.54 -4.85
C LEU B 129 -14.26 21.50 -4.43
N ASN B 130 -14.90 22.67 -4.31
CA ASN B 130 -16.25 22.78 -3.79
C ASN B 130 -16.32 22.20 -2.37
N TYR B 131 -15.35 22.56 -1.53
CA TYR B 131 -15.29 22.01 -0.19
C TYR B 131 -16.28 22.72 0.71
N GLY B 132 -17.47 22.12 0.87
CA GLY B 132 -18.43 22.55 1.87
C GLY B 132 -18.76 24.04 1.76
N ASN B 133 -18.72 24.73 2.91
CA ASN B 133 -19.08 26.13 3.01
C ASN B 133 -17.88 27.02 2.65
N LYS B 134 -16.70 26.42 2.54
CA LYS B 134 -15.51 27.10 2.04
C LYS B 134 -15.11 28.23 2.98
N ASN B 135 -15.45 28.07 4.26
CA ASN B 135 -15.35 29.16 5.23
C ASN B 135 -14.12 28.94 6.11
N LEU B 136 -13.10 29.80 5.94
CA LEU B 136 -11.85 29.68 6.65
C LEU B 136 -11.89 30.40 8.01
N GLY B 137 -12.71 31.46 8.12
CA GLY B 137 -12.81 32.20 9.36
C GLY B 137 -11.51 32.92 9.70
N SER B 138 -10.97 32.66 10.89
CA SER B 138 -9.75 33.31 11.36
C SER B 138 -8.49 32.61 10.83
N TYR B 139 -8.68 31.46 10.15
CA TYR B 139 -7.62 30.70 9.53
C TYR B 139 -6.69 30.13 10.60
N LYS B 140 -7.27 29.62 11.69
CA LYS B 140 -6.53 29.00 12.78
C LYS B 140 -7.28 27.77 13.30
N SER B 141 -6.84 26.58 12.88
CA SER B 141 -7.53 25.34 13.21
C SER B 141 -8.99 25.41 12.75
N TYR B 142 -9.20 26.00 11.57
CA TYR B 142 -10.53 26.28 11.03
C TYR B 142 -11.29 24.99 10.75
N TRP B 143 -10.55 23.88 10.61
CA TRP B 143 -11.14 22.59 10.28
C TRP B 143 -11.53 21.83 11.54
N MET B 144 -11.26 22.41 12.72
CA MET B 144 -11.53 21.72 13.99
C MET B 144 -12.69 22.42 14.71
N GLU B 145 -13.90 21.86 14.55
CA GLU B 145 -15.11 22.37 15.18
C GLU B 145 -15.11 23.91 15.17
N ASP B 146 -14.93 24.49 13.98
CA ASP B 146 -14.84 25.92 13.80
C ASP B 146 -15.69 26.30 12.58
N SER B 147 -15.13 27.12 11.68
CA SER B 147 -15.90 27.76 10.63
C SER B 147 -16.17 26.81 9.47
N LEU B 148 -15.13 26.07 9.06
CA LEU B 148 -15.24 25.18 7.91
C LEU B 148 -16.18 24.03 8.24
N LYS B 149 -17.11 23.76 7.33
CA LYS B 149 -18.11 22.71 7.50
C LYS B 149 -18.42 22.07 6.15
N ILE B 150 -18.64 20.75 6.16
CA ILE B 150 -18.92 19.99 4.95
C ILE B 150 -19.92 18.91 5.31
N SER B 151 -20.70 18.48 4.31
CA SER B 151 -21.74 17.47 4.50
C SER B 151 -21.21 16.09 4.11
N ASN B 152 -21.83 15.05 4.70
CA ASN B 152 -21.46 13.66 4.46
C ASN B 152 -21.51 13.36 2.96
N LEU B 153 -22.54 13.90 2.29
CA LEU B 153 -22.70 13.74 0.86
C LEU B 153 -21.57 14.43 0.09
N GLU B 154 -21.18 15.63 0.53
CA GLU B 154 -20.12 16.39 -0.12
C GLU B 154 -18.75 15.73 0.11
N GLN B 155 -18.56 15.09 1.27
CA GLN B 155 -17.30 14.43 1.55
C GLN B 155 -16.97 13.48 0.40
N VAL B 156 -17.97 12.73 -0.05
CA VAL B 156 -17.81 11.72 -1.09
C VAL B 156 -17.64 12.39 -2.45
N ILE B 157 -18.43 13.45 -2.71
CA ILE B 157 -18.41 14.12 -4.00
C ILE B 157 -17.06 14.81 -4.17
N VAL B 158 -16.61 15.52 -3.14
CA VAL B 158 -15.40 16.34 -3.23
C VAL B 158 -14.17 15.44 -3.34
N PHE B 159 -14.15 14.33 -2.57
CA PHE B 159 -13.00 13.44 -2.53
C PHE B 159 -12.85 12.72 -3.88
N LYS B 160 -13.94 12.10 -4.34
CA LYS B 160 -13.99 11.40 -5.62
C LYS B 160 -13.55 12.33 -6.74
N ASN B 161 -14.05 13.56 -6.74
CA ASN B 161 -13.73 14.51 -7.79
C ASN B 161 -12.24 14.85 -7.76
N MET B 162 -11.70 15.13 -6.57
CA MET B 162 -10.31 15.56 -6.46
C MET B 162 -9.38 14.44 -6.94
N MET B 163 -9.75 13.19 -6.64
CA MET B 163 -8.91 12.04 -6.90
C MET B 163 -9.03 11.58 -8.35
N GLU B 164 -10.24 11.60 -8.89
CA GLU B 164 -10.54 10.93 -10.16
C GLU B 164 -10.43 11.88 -11.34
N GLN B 165 -10.62 13.18 -11.11
CA GLN B 165 -10.58 14.15 -12.20
C GLN B 165 -9.15 14.65 -12.41
N ASN B 166 -8.90 15.12 -13.64
CA ASN B 166 -7.65 15.76 -14.00
C ASN B 166 -7.60 17.16 -13.36
N ASN B 167 -7.17 17.18 -12.10
CA ASN B 167 -6.90 18.42 -11.37
C ASN B 167 -5.51 18.93 -11.76
N HIS B 168 -5.09 20.03 -11.13
CA HIS B 168 -3.69 20.43 -11.17
C HIS B 168 -2.87 19.56 -10.22
N PHE B 169 -3.55 18.78 -9.38
CA PHE B 169 -2.91 17.85 -8.46
C PHE B 169 -2.29 16.69 -9.25
N SER B 170 -1.02 16.40 -8.95
CA SER B 170 -0.25 15.39 -9.67
C SER B 170 -0.71 13.99 -9.27
N LYS B 171 -0.42 13.03 -10.15
CA LYS B 171 -0.78 11.63 -9.92
C LYS B 171 0.03 11.05 -8.76
N LYS B 172 1.29 11.49 -8.62
CA LYS B 172 2.18 10.96 -7.60
C LYS B 172 1.78 11.50 -6.22
N ALA B 173 1.24 12.73 -6.19
CA ALA B 173 0.66 13.29 -4.98
C ALA B 173 -0.49 12.40 -4.52
N LYS B 174 -1.38 12.08 -5.45
CA LYS B 174 -2.57 11.28 -5.17
C LYS B 174 -2.18 9.89 -4.69
N ASN B 175 -1.12 9.31 -5.29
CA ASN B 175 -0.68 7.98 -4.93
C ASN B 175 -0.04 8.00 -3.54
N GLN B 176 0.78 9.02 -3.28
CA GLN B 176 1.41 9.14 -1.98
C GLN B 176 0.33 9.35 -0.91
N LEU B 177 -0.65 10.20 -1.20
CA LEU B 177 -1.78 10.37 -0.31
C LEU B 177 -2.48 9.04 -0.11
N SER B 178 -2.72 8.33 -1.22
CA SER B 178 -3.45 7.08 -1.20
C SER B 178 -2.74 6.04 -0.34
N SER B 179 -1.39 5.98 -0.45
CA SER B 179 -0.56 5.12 0.37
C SER B 179 -0.78 5.39 1.86
N SER B 180 -0.89 6.67 2.24
CA SER B 180 -1.01 7.05 3.63
C SER B 180 -2.39 6.69 4.19
N LEU B 181 -3.34 6.33 3.31
CA LEU B 181 -4.71 6.09 3.70
C LEU B 181 -5.07 4.61 3.69
N LEU B 182 -4.19 3.75 3.16
CA LEU B 182 -4.49 2.33 3.05
C LEU B 182 -4.59 1.70 4.44
N ILE B 183 -5.68 0.98 4.68
CA ILE B 183 -5.99 0.41 5.98
C ILE B 183 -5.96 -1.12 5.91
N LYS B 184 -6.63 -1.68 4.90
CA LYS B 184 -6.72 -3.12 4.72
C LYS B 184 -6.54 -3.46 3.24
N LYS B 185 -5.90 -4.60 2.98
CA LYS B 185 -5.78 -5.13 1.63
C LYS B 185 -5.77 -6.67 1.70
N ASN B 186 -6.52 -7.29 0.78
CA ASN B 186 -6.54 -8.73 0.65
C ASN B 186 -6.83 -9.05 -0.82
N GLU B 187 -7.08 -10.34 -1.11
CA GLU B 187 -7.30 -10.82 -2.46
C GLU B 187 -8.44 -10.05 -3.11
N LYS B 188 -9.43 -9.67 -2.29
CA LYS B 188 -10.70 -9.15 -2.76
C LYS B 188 -10.65 -7.64 -2.93
N TYR B 189 -10.13 -6.91 -1.94
CA TYR B 189 -10.29 -5.46 -1.91
C TYR B 189 -9.11 -4.74 -1.24
N GLU B 190 -8.95 -3.47 -1.61
CA GLU B 190 -8.14 -2.50 -0.90
C GLU B 190 -9.07 -1.47 -0.26
N LEU B 191 -8.96 -1.31 1.07
CA LEU B 191 -9.77 -0.34 1.80
C LEU B 191 -8.90 0.83 2.21
N TYR B 192 -9.32 2.05 1.86
CA TYR B 192 -8.63 3.26 2.27
C TYR B 192 -9.62 4.15 3.03
N GLY B 193 -9.11 4.97 3.96
CA GLY B 193 -9.98 5.89 4.68
C GLY B 193 -9.28 6.69 5.77
N LYS B 194 -10.05 7.60 6.38
CA LYS B 194 -9.58 8.48 7.44
C LYS B 194 -10.72 8.73 8.42
N THR B 195 -10.43 8.59 9.72
CA THR B 195 -11.40 8.83 10.77
C THR B 195 -11.39 10.30 11.17
N GLY B 196 -12.52 10.76 11.72
CA GLY B 196 -12.60 12.05 12.41
C GLY B 196 -13.36 11.90 13.73
N THR B 197 -12.87 12.52 14.79
CA THR B 197 -13.55 12.51 16.08
C THR B 197 -13.55 13.92 16.67
N GLY B 198 -14.71 14.32 17.18
CA GLY B 198 -14.85 15.56 17.92
C GLY B 198 -15.23 15.26 19.37
N ILE B 199 -14.73 16.09 20.28
CA ILE B 199 -15.05 15.97 21.69
C ILE B 199 -15.43 17.35 22.22
N VAL B 200 -16.61 17.45 22.84
CA VAL B 200 -17.08 18.68 23.46
C VAL B 200 -17.65 18.33 24.84
N ASN B 201 -17.15 19.01 25.88
CA ASN B 201 -17.58 18.78 27.25
C ASN B 201 -17.49 17.28 27.58
N GLY B 202 -16.42 16.63 27.11
CA GLY B 202 -16.16 15.23 27.41
C GLY B 202 -17.12 14.27 26.72
N LYS B 203 -17.84 14.76 25.70
CA LYS B 203 -18.83 13.96 24.98
C LYS B 203 -18.47 13.99 23.49
N TYR B 204 -18.43 12.80 22.86
CA TYR B 204 -18.30 12.72 21.42
C TYR B 204 -19.52 13.37 20.78
N ASN B 205 -19.29 14.24 19.79
CA ASN B 205 -20.37 15.01 19.18
C ASN B 205 -20.34 14.91 17.66
N ASN B 206 -19.27 14.36 17.07
CA ASN B 206 -19.05 14.44 15.64
C ASN B 206 -18.05 13.36 15.21
N GLY B 207 -18.53 12.38 14.43
CA GLY B 207 -17.74 11.22 14.04
C GLY B 207 -17.75 10.99 12.54
N TRP B 208 -16.56 10.93 11.93
CA TRP B 208 -16.38 10.72 10.50
C TRP B 208 -15.66 9.40 10.23
N PHE B 209 -15.97 8.78 9.09
CA PHE B 209 -15.05 7.89 8.42
C PHE B 209 -15.22 8.02 6.90
N VAL B 210 -14.23 8.66 6.27
CA VAL B 210 -14.24 8.97 4.84
C VAL B 210 -13.15 8.13 4.16
N GLY B 211 -13.45 7.60 2.98
CA GLY B 211 -12.48 6.76 2.30
C GLY B 211 -12.99 6.21 0.97
N TYR B 212 -12.33 5.13 0.51
CA TYR B 212 -12.75 4.45 -0.71
C TYR B 212 -12.25 3.01 -0.73
N VAL B 213 -12.88 2.20 -1.59
CA VAL B 213 -12.58 0.78 -1.71
C VAL B 213 -12.27 0.49 -3.18
N ILE B 214 -11.16 -0.23 -3.42
CA ILE B 214 -10.88 -0.74 -4.75
C ILE B 214 -11.10 -2.25 -4.73
N THR B 215 -11.97 -2.75 -5.62
CA THR B 215 -12.12 -4.18 -5.84
C THR B 215 -11.57 -4.50 -7.23
N ASN B 216 -11.69 -5.76 -7.64
CA ASN B 216 -11.33 -6.16 -9.00
C ASN B 216 -12.25 -5.46 -10.00
N HIS B 217 -13.55 -5.42 -9.66
CA HIS B 217 -14.60 -5.07 -10.62
C HIS B 217 -14.92 -3.59 -10.57
N ASP B 218 -14.93 -2.99 -9.37
CA ASP B 218 -15.44 -1.65 -9.20
C ASP B 218 -14.51 -0.83 -8.30
N LYS B 219 -14.87 0.45 -8.13
CA LYS B 219 -14.22 1.35 -7.19
C LYS B 219 -15.30 2.19 -6.53
N TYR B 220 -15.21 2.34 -5.20
CA TYR B 220 -16.26 2.95 -4.40
C TYR B 220 -15.68 4.05 -3.54
N TYR B 221 -16.33 5.22 -3.52
CA TYR B 221 -16.05 6.24 -2.52
C TYR B 221 -17.20 6.25 -1.51
N PHE B 222 -16.90 6.54 -0.25
CA PHE B 222 -17.88 6.39 0.81
C PHE B 222 -17.54 7.30 1.97
N ALA B 223 -18.52 7.48 2.87
CA ALA B 223 -18.35 8.28 4.06
C ALA B 223 -19.50 7.98 5.02
N THR B 224 -19.18 7.96 6.31
CA THR B 224 -20.17 7.80 7.36
C THR B 224 -20.02 9.00 8.30
N HIS B 225 -21.15 9.63 8.61
CA HIS B 225 -21.16 10.68 9.63
C HIS B 225 -22.03 10.24 10.81
N LEU B 226 -21.51 10.43 12.02
CA LEU B 226 -22.26 10.19 13.24
C LEU B 226 -22.46 11.52 13.97
N SER B 227 -23.72 11.81 14.33
CA SER B 227 -24.11 13.07 14.93
C SER B 227 -24.53 12.90 16.38
N ASP B 228 -25.09 11.73 16.73
CA ASP B 228 -25.54 11.47 18.09
C ASP B 228 -25.32 10.00 18.42
N GLY B 229 -25.51 9.65 19.70
CA GLY B 229 -25.29 8.30 20.19
C GLY B 229 -23.89 8.13 20.78
N LYS B 230 -22.98 7.53 20.00
CA LYS B 230 -21.57 7.50 20.33
C LYS B 230 -20.80 7.92 19.08
N PRO B 231 -20.84 9.21 18.71
CA PRO B 231 -20.28 9.66 17.43
C PRO B 231 -18.77 9.83 17.46
N SER B 232 -18.05 8.71 17.47
CA SER B 232 -16.60 8.68 17.37
C SER B 232 -16.19 8.19 16.00
N GLY B 233 -15.00 8.65 15.55
CA GLY B 233 -14.42 8.22 14.30
C GLY B 233 -14.31 6.70 14.19
N LYS B 234 -13.95 6.04 15.30
CA LYS B 234 -13.78 4.59 15.31
C LYS B 234 -15.13 3.92 15.08
N ASN B 235 -16.16 4.43 15.75
CA ASN B 235 -17.50 3.89 15.64
C ASN B 235 -18.02 4.12 14.22
N ALA B 236 -17.60 5.23 13.61
CA ALA B 236 -17.93 5.54 12.22
C ALA B 236 -17.26 4.55 11.28
N GLU B 237 -16.04 4.11 11.62
CA GLU B 237 -15.34 3.14 10.81
C GLU B 237 -16.05 1.78 10.90
N LEU B 238 -16.37 1.37 12.13
CA LEU B 238 -17.00 0.07 12.37
C LEU B 238 -18.30 -0.04 11.57
N ILE B 239 -19.10 1.03 11.60
CA ILE B 239 -20.39 1.07 10.93
C ILE B 239 -20.18 1.07 9.42
N SER B 240 -19.22 1.86 8.93
CA SER B 240 -18.91 1.90 7.52
C SER B 240 -18.64 0.50 6.97
N GLU B 241 -17.87 -0.29 7.74
CA GLU B 241 -17.38 -1.57 7.28
C GLU B 241 -18.50 -2.61 7.26
N LYS B 242 -19.33 -2.62 8.30
CA LYS B 242 -20.39 -3.62 8.37
C LYS B 242 -21.46 -3.31 7.32
N ILE B 243 -21.61 -2.03 6.94
CA ILE B 243 -22.49 -1.64 5.86
C ILE B 243 -21.89 -2.08 4.51
N LEU B 244 -20.58 -1.88 4.36
CA LEU B 244 -19.89 -2.23 3.12
C LEU B 244 -19.84 -3.74 2.94
N LYS B 245 -19.74 -4.48 4.06
CA LYS B 245 -19.70 -5.93 4.01
C LYS B 245 -21.08 -6.46 3.68
N GLU B 246 -22.11 -5.91 4.34
CA GLU B 246 -23.49 -6.37 4.20
C GLU B 246 -24.03 -5.97 2.83
N MET B 247 -23.44 -4.94 2.21
CA MET B 247 -23.80 -4.54 0.85
C MET B 247 -22.95 -5.31 -0.16
N GLY B 248 -21.98 -6.09 0.31
CA GLY B 248 -21.21 -6.97 -0.55
C GLY B 248 -20.13 -6.22 -1.33
N VAL B 249 -19.57 -5.18 -0.70
CA VAL B 249 -18.44 -4.45 -1.27
C VAL B 249 -17.14 -5.12 -0.83
N LEU B 250 -17.17 -5.80 0.32
CA LEU B 250 -15.96 -6.38 0.90
C LEU B 250 -16.05 -7.91 0.86
N ASN B 251 -16.21 -8.46 -0.36
CA ASN B 251 -16.23 -9.90 -0.55
C ASN B 251 -15.87 -10.26 -2.00
#